data_7OY3
#
_entry.id   7OY3
#
_cell.length_a   106.806
_cell.length_b   106.806
_cell.length_c   108.457
_cell.angle_alpha   90.000
_cell.angle_beta   90.000
_cell.angle_gamma   120.000
#
_symmetry.space_group_name_H-M   'P 31 2 1'
#
loop_
_entity.id
_entity.type
_entity.pdbx_description
1 polymer Depupylase
2 polymer 'Prokaryotic ubiquitin-like protein Pup'
3 non-polymer 'POTASSIUM ION'
4 non-polymer 'MAGNESIUM ION'
5 non-polymer 1,2-ETHANEDIOL
6 non-polymer "ADENOSINE-5'-DIPHOSPHATE"
7 non-polymer 'ACETATE ION'
8 non-polymer DI(HYDROXYETHYL)ETHER
9 non-polymer 'TRIETHYLENE GLYCOL'
10 water water
#
loop_
_entity_poly.entity_id
_entity_poly.type
_entity_poly.pdbx_seq_one_letter_code
_entity_poly.pdbx_strand_id
1 'polypeptide(L)'
;MHRVMGIETEYGISVPHQPNANAMAASSQVVNAYAPIGAPAQRQARWDFEEENPLRDARGFEVAREAADPSQLTDEDLGL
ANVILTNGARLYVDHAHPEYSTPEVTNPRDAVLWDKAGERIMAEAARRAADLPMGWTIQLYKNNTDNKGASYGCHENYLM
NRSTPFADIVRHLIPFFVTRQVFCGAGRVGIGADGRGEGFQLSQRADFFEVEVGLETTLKRPIINTRDEPHADPEKYRRL
HVIIGDANMSEIATYLKLGTTALVLAMIEDGFLSQDFSVESPVGALRAVSHDPTLRYQLRLHDGRRLTAVQLQMEYLEQA
RKYVEDRFGTDVDDMTRDVLDRWETTLVRLADDPMQLSRDLDWVAKLSILEGYRQRENLPWSAHKLQLVDLQYHDVRPDR
GLYNRLVARGRMNLLVDEAAVRTAMHEPPNDTRAYFRGRCLAKFGAEIAAASWDSVIFDLPGRDSLQRVPTLEPLRGTRA
HVGDLLDRCRSATELVAALTGGENLYFQ
;
A
2 'polypeptide(L)' DAILDEIDDVLEENAEEFVRSYIQKGG(VHF) B
#
# COMPACT_ATOMS: atom_id res chain seq x y z
N MET A 1 -3.51 -17.21 7.76
CA MET A 1 -3.05 -15.96 8.35
C MET A 1 -4.20 -15.15 8.90
N HIS A 2 -4.02 -14.56 10.08
CA HIS A 2 -5.02 -13.69 10.70
C HIS A 2 -4.27 -12.57 11.42
N ARG A 3 -4.21 -11.40 10.79
CA ARG A 3 -3.79 -10.18 11.47
C ARG A 3 -4.53 -9.02 10.81
N VAL A 4 -5.14 -8.15 11.62
CA VAL A 4 -5.85 -7.02 11.03
C VAL A 4 -4.84 -6.08 10.40
N MET A 5 -5.08 -5.72 9.14
CA MET A 5 -4.12 -4.90 8.40
C MET A 5 -4.86 -4.06 7.37
N GLY A 6 -4.15 -3.08 6.80
CA GLY A 6 -4.71 -2.24 5.75
C GLY A 6 -3.65 -1.41 5.09
N ILE A 7 -3.96 -0.89 3.90
CA ILE A 7 -3.00 -0.13 3.11
C ILE A 7 -3.64 1.20 2.74
N GLU A 8 -2.95 2.30 3.02
CA GLU A 8 -3.38 3.65 2.60
C GLU A 8 -2.42 4.13 1.53
N THR A 9 -2.94 4.48 0.36
CA THR A 9 -2.08 4.88 -0.76
C THR A 9 -2.43 6.28 -1.24
N GLU A 10 -1.47 7.20 -1.14
CA GLU A 10 -1.57 8.52 -1.75
C GLU A 10 -1.12 8.44 -3.20
N TYR A 11 -1.96 8.92 -4.12
CA TYR A 11 -1.68 8.85 -5.55
C TYR A 11 -1.13 10.18 -6.04
N GLY A 12 -0.16 10.10 -6.95
CA GLY A 12 0.27 11.31 -7.64
C GLY A 12 -0.81 11.76 -8.59
N ILE A 13 -0.89 13.07 -8.85
CA ILE A 13 -2.01 13.60 -9.63
C ILE A 13 -1.52 14.74 -10.50
N SER A 14 -1.90 14.70 -11.78
CA SER A 14 -1.39 15.59 -12.81
C SER A 14 -2.56 16.04 -13.66
N VAL A 15 -2.64 17.34 -13.95
CA VAL A 15 -3.70 17.86 -14.81
C VAL A 15 -3.04 18.78 -15.84
N PRO A 16 -2.44 18.22 -16.89
CA PRO A 16 -1.69 19.04 -17.84
C PRO A 16 -2.58 19.98 -18.62
N HIS A 17 -2.02 21.14 -18.98
CA HIS A 17 -2.66 22.05 -19.93
C HIS A 17 -4.01 22.56 -19.39
N GLN A 18 -4.08 22.77 -18.07
CA GLN A 18 -5.24 23.38 -17.42
C GLN A 18 -4.72 24.40 -16.42
N PRO A 19 -4.41 25.61 -16.88
CA PRO A 19 -3.88 26.64 -15.96
C PRO A 19 -4.84 26.98 -14.82
N ASN A 20 -6.13 26.68 -14.96
N ASN A 20 -6.13 26.69 -14.96
CA ASN A 20 -7.10 26.92 -13.92
CA ASN A 20 -7.09 26.95 -13.89
C ASN A 20 -7.10 25.86 -12.83
C ASN A 20 -7.06 25.88 -12.80
N ALA A 21 -6.34 24.78 -13.01
CA ALA A 21 -6.40 23.65 -12.08
C ALA A 21 -5.34 23.78 -11.00
N ASN A 22 -5.68 23.29 -9.81
CA ASN A 22 -4.67 23.08 -8.77
C ASN A 22 -4.87 21.68 -8.22
N ALA A 23 -3.88 21.21 -7.46
CA ALA A 23 -3.88 19.80 -7.09
C ALA A 23 -5.02 19.47 -6.13
N MET A 24 -5.35 20.39 -5.23
CA MET A 24 -6.47 20.17 -4.32
C MET A 24 -7.79 20.05 -5.08
N ALA A 25 -8.00 20.94 -6.06
CA ALA A 25 -9.23 20.88 -6.85
C ALA A 25 -9.30 19.57 -7.65
N ALA A 26 -8.20 19.19 -8.28
CA ALA A 26 -8.22 17.95 -9.05
C ALA A 26 -8.44 16.75 -8.14
N SER A 27 -7.79 16.73 -6.97
CA SER A 27 -8.01 15.61 -6.03
C SER A 27 -9.46 15.55 -5.58
N SER A 28 -10.08 16.72 -5.35
CA SER A 28 -11.49 16.77 -4.98
C SER A 28 -12.36 16.22 -6.10
N GLN A 29 -12.06 16.59 -7.36
CA GLN A 29 -12.84 16.06 -8.47
C GLN A 29 -12.79 14.55 -8.50
N VAL A 30 -11.60 13.99 -8.27
CA VAL A 30 -11.46 12.53 -8.26
C VAL A 30 -12.29 11.92 -7.15
N VAL A 31 -12.14 12.42 -5.92
CA VAL A 31 -12.91 11.86 -4.80
C VAL A 31 -14.40 12.06 -5.02
N ASN A 32 -14.81 13.27 -5.38
CA ASN A 32 -16.23 13.58 -5.54
C ASN A 32 -16.83 12.88 -6.75
N ALA A 33 -16.07 12.76 -7.84
CA ALA A 33 -16.64 12.21 -9.07
C ALA A 33 -16.95 10.74 -8.93
N TYR A 34 -16.27 10.08 -8.00
CA TYR A 34 -16.60 8.69 -7.73
C TYR A 34 -17.77 8.61 -6.76
N ALA A 35 -17.71 9.32 -5.65
CA ALA A 35 -18.81 9.33 -4.70
C ALA A 35 -18.71 10.51 -3.72
N GLN A 44 -21.72 9.20 -2.09
CA GLN A 44 -21.75 8.31 -0.93
C GLN A 44 -21.64 9.13 0.37
N ALA A 45 -21.42 8.46 1.51
CA ALA A 45 -21.54 9.09 2.82
C ALA A 45 -20.23 9.70 3.30
N ARG A 46 -20.35 10.74 4.12
CA ARG A 46 -19.26 11.56 4.62
C ARG A 46 -18.49 10.87 5.76
N TRP A 47 -17.32 11.44 6.06
CA TRP A 47 -16.45 10.96 7.13
C TRP A 47 -16.77 11.64 8.46
N ASP A 48 -16.78 10.84 9.53
CA ASP A 48 -17.15 11.30 10.86
C ASP A 48 -15.91 11.59 11.69
N PHE A 49 -15.87 12.78 12.29
CA PHE A 49 -14.73 13.17 13.14
C PHE A 49 -15.10 13.12 14.62
N GLY A 79 -12.62 19.93 6.26
CA GLY A 79 -13.70 20.12 5.31
C GLY A 79 -13.36 19.71 3.88
N LEU A 80 -12.42 18.79 3.76
CA LEU A 80 -11.97 18.26 2.48
C LEU A 80 -12.83 17.07 2.07
N ALA A 81 -12.90 16.82 0.75
CA ALA A 81 -13.70 15.71 0.24
C ALA A 81 -13.20 14.39 0.82
N ASN A 82 -14.13 13.58 1.32
CA ASN A 82 -13.80 12.45 2.20
C ASN A 82 -15.00 11.52 2.17
N VAL A 83 -14.85 10.33 1.59
CA VAL A 83 -15.96 9.44 1.27
C VAL A 83 -15.67 8.05 1.82
N ILE A 84 -16.69 7.40 2.39
CA ILE A 84 -16.63 5.97 2.73
C ILE A 84 -17.39 5.20 1.66
N LEU A 85 -16.78 4.14 1.13
CA LEU A 85 -17.31 3.37 0.01
C LEU A 85 -18.05 2.12 0.49
N THR A 86 -18.84 1.54 -0.41
CA THR A 86 -19.59 0.33 -0.05
C THR A 86 -18.71 -0.89 0.13
N ASN A 87 -17.45 -0.85 -0.29
CA ASN A 87 -16.55 -1.94 0.05
C ASN A 87 -15.84 -1.71 1.38
N GLY A 88 -16.25 -0.67 2.13
CA GLY A 88 -15.64 -0.37 3.41
C GLY A 88 -14.39 0.49 3.36
N ALA A 89 -13.93 0.86 2.17
CA ALA A 89 -12.73 1.67 1.98
C ALA A 89 -13.02 3.15 2.24
N ARG A 90 -11.95 3.93 2.39
CA ARG A 90 -12.00 5.38 2.50
C ARG A 90 -11.35 5.99 1.27
N LEU A 91 -11.99 6.99 0.70
CA LEU A 91 -11.45 7.72 -0.46
C LEU A 91 -11.49 9.20 -0.09
N TYR A 92 -10.34 9.86 -0.10
CA TYR A 92 -10.34 11.22 0.41
C TYR A 92 -9.16 12.02 -0.11
N VAL A 93 -9.24 13.33 0.10
CA VAL A 93 -8.17 14.25 -0.28
C VAL A 93 -7.24 14.43 0.92
N ASP A 94 -5.96 14.15 0.73
CA ASP A 94 -4.95 14.34 1.77
C ASP A 94 -3.72 15.03 1.18
N HIS A 95 -3.42 16.24 1.62
CA HIS A 95 -2.17 16.91 1.22
C HIS A 95 -2.08 17.08 -0.29
N ALA A 96 -3.21 17.40 -0.94
CA ALA A 96 -3.27 17.58 -2.39
C ALA A 96 -2.98 16.29 -3.16
N HIS A 97 -3.33 15.16 -2.57
CA HIS A 97 -3.30 13.88 -3.25
C HIS A 97 -4.61 13.16 -2.96
N PRO A 98 -5.22 12.54 -3.97
CA PRO A 98 -6.31 11.61 -3.66
C PRO A 98 -5.70 10.39 -2.98
N GLU A 99 -6.39 9.90 -1.96
CA GLU A 99 -5.88 8.79 -1.15
C GLU A 99 -6.96 7.73 -1.00
N TYR A 100 -6.57 6.47 -1.18
CA TYR A 100 -7.43 5.31 -1.00
C TYR A 100 -6.90 4.49 0.18
N SER A 101 -7.76 4.22 1.15
CA SER A 101 -7.41 3.34 2.27
C SER A 101 -8.28 2.11 2.20
N THR A 102 -7.65 0.92 2.15
CA THR A 102 -8.43 -0.31 2.08
C THR A 102 -9.34 -0.41 3.30
N PRO A 103 -10.46 -1.16 3.19
CA PRO A 103 -11.08 -1.71 4.40
C PRO A 103 -10.06 -2.49 5.22
N GLU A 104 -10.33 -2.65 6.51
CA GLU A 104 -9.59 -3.60 7.32
C GLU A 104 -9.75 -5.00 6.74
N VAL A 105 -8.62 -5.72 6.59
CA VAL A 105 -8.61 -7.09 6.13
C VAL A 105 -7.82 -7.91 7.13
N THR A 106 -7.82 -9.24 6.96
CA THR A 106 -7.18 -10.12 7.96
C THR A 106 -5.97 -10.86 7.41
N ASN A 107 -5.60 -10.67 6.16
CA ASN A 107 -4.54 -11.48 5.57
C ASN A 107 -4.00 -10.76 4.35
N PRO A 108 -2.79 -11.11 3.89
CA PRO A 108 -2.17 -10.32 2.81
C PRO A 108 -2.78 -10.53 1.44
N ARG A 109 -3.44 -11.68 1.17
CA ARG A 109 -4.12 -11.81 -0.10
C ARG A 109 -5.28 -10.82 -0.19
N ASP A 110 -6.07 -10.70 0.87
CA ASP A 110 -7.15 -9.73 0.87
C ASP A 110 -6.61 -8.30 0.84
N ALA A 111 -5.47 -8.04 1.49
CA ALA A 111 -4.85 -6.73 1.36
C ALA A 111 -4.58 -6.42 -0.11
N VAL A 112 -3.99 -7.37 -0.85
CA VAL A 112 -3.74 -7.19 -2.28
C VAL A 112 -5.04 -6.90 -3.03
N LEU A 113 -6.07 -7.69 -2.74
CA LEU A 113 -7.31 -7.62 -3.51
C LEU A 113 -7.99 -6.26 -3.34
N TRP A 114 -8.22 -5.84 -2.10
CA TRP A 114 -8.90 -4.56 -1.92
C TRP A 114 -7.98 -3.38 -2.25
N ASP A 115 -6.67 -3.55 -2.16
CA ASP A 115 -5.76 -2.50 -2.60
C ASP A 115 -5.79 -2.34 -4.13
N LYS A 116 -5.83 -3.46 -4.85
CA LYS A 116 -5.94 -3.40 -6.31
C LYS A 116 -7.27 -2.79 -6.73
N ALA A 117 -8.36 -3.11 -6.01
CA ALA A 117 -9.63 -2.47 -6.28
C ALA A 117 -9.51 -0.95 -6.16
N GLY A 118 -8.66 -0.47 -5.25
CA GLY A 118 -8.42 0.97 -5.16
C GLY A 118 -7.84 1.56 -6.43
N GLU A 119 -6.96 0.82 -7.10
CA GLU A 119 -6.42 1.31 -8.37
C GLU A 119 -7.53 1.46 -9.39
N ARG A 120 -8.45 0.49 -9.44
CA ARG A 120 -9.56 0.56 -10.37
C ARG A 120 -10.50 1.71 -10.02
N ILE A 121 -10.71 1.94 -8.74
CA ILE A 121 -11.55 3.04 -8.29
C ILE A 121 -10.93 4.38 -8.69
N MET A 122 -9.63 4.55 -8.46
CA MET A 122 -8.95 5.77 -8.90
C MET A 122 -9.08 5.98 -10.41
N ALA A 123 -8.84 4.91 -11.20
CA ALA A 123 -8.90 5.06 -12.65
C ALA A 123 -10.31 5.47 -13.11
N GLU A 124 -11.32 4.83 -12.55
CA GLU A 124 -12.70 5.14 -12.88
C GLU A 124 -13.08 6.54 -12.40
N ALA A 125 -12.60 6.92 -11.21
CA ALA A 125 -12.87 8.26 -10.67
C ALA A 125 -12.33 9.33 -11.62
N ALA A 126 -11.11 9.16 -12.10
CA ALA A 126 -10.55 10.12 -13.05
C ALA A 126 -11.37 10.15 -14.33
N ARG A 127 -11.81 8.99 -14.82
CA ARG A 127 -12.62 8.98 -16.04
C ARG A 127 -13.94 9.72 -15.82
N ARG A 128 -14.55 9.55 -14.64
CA ARG A 128 -15.79 10.26 -14.36
C ARG A 128 -15.53 11.76 -14.22
N ALA A 129 -14.39 12.15 -13.64
CA ALA A 129 -14.10 13.58 -13.51
C ALA A 129 -14.01 14.27 -14.86
N ALA A 130 -13.60 13.53 -15.90
CA ALA A 130 -13.52 14.11 -17.23
C ALA A 130 -14.88 14.58 -17.75
N ASP A 131 -15.98 14.07 -17.20
CA ASP A 131 -17.32 14.45 -17.62
C ASP A 131 -17.91 15.58 -16.79
N LEU A 132 -17.22 16.03 -15.73
CA LEU A 132 -17.66 17.19 -14.96
C LEU A 132 -17.61 18.43 -15.86
N PRO A 133 -18.31 19.51 -15.49
CA PRO A 133 -18.33 20.70 -16.35
C PRO A 133 -16.96 21.25 -16.68
N MET A 134 -16.01 21.16 -15.73
CA MET A 134 -14.64 21.63 -15.94
C MET A 134 -13.92 20.88 -17.06
N GLY A 135 -14.25 19.62 -17.28
CA GLY A 135 -13.68 18.86 -18.39
C GLY A 135 -12.20 18.52 -18.30
N TRP A 136 -11.67 18.30 -17.10
CA TRP A 136 -10.24 18.08 -16.93
C TRP A 136 -9.86 16.64 -17.21
N THR A 137 -8.77 16.47 -17.97
CA THR A 137 -8.13 15.17 -18.14
C THR A 137 -7.15 15.01 -16.97
N ILE A 138 -7.47 14.12 -16.04
CA ILE A 138 -6.69 13.97 -14.80
C ILE A 138 -5.92 12.67 -14.88
N GLN A 139 -4.60 12.75 -14.65
CA GLN A 139 -3.74 11.56 -14.63
C GLN A 139 -3.39 11.21 -13.19
N LEU A 140 -3.35 9.91 -12.89
CA LEU A 140 -3.09 9.44 -11.53
C LEU A 140 -2.00 8.39 -11.55
N TYR A 141 -1.11 8.42 -10.54
CA TYR A 141 0.09 7.59 -10.50
C TYR A 141 0.21 6.91 -9.14
N LYS A 142 0.28 5.59 -9.15
CA LYS A 142 0.42 4.84 -7.90
C LYS A 142 1.90 4.68 -7.56
N ASN A 143 2.54 5.81 -7.30
CA ASN A 143 3.99 5.81 -7.00
C ASN A 143 4.21 6.70 -5.77
N ASN A 144 5.45 7.17 -5.59
CA ASN A 144 5.78 7.87 -4.35
C ASN A 144 6.61 9.13 -4.51
N THR A 145 6.98 9.52 -5.74
CA THR A 145 7.81 10.72 -5.84
C THR A 145 7.66 11.33 -7.24
N ASP A 146 7.94 12.65 -7.33
CA ASP A 146 8.06 13.30 -8.62
C ASP A 146 9.49 13.34 -9.15
N ASN A 147 10.43 12.70 -8.46
CA ASN A 147 11.85 12.64 -8.83
C ASN A 147 12.51 14.02 -8.78
N LYS A 148 11.87 14.97 -8.12
CA LYS A 148 12.39 16.33 -8.02
C LYS A 148 12.40 16.81 -6.57
N GLY A 149 12.32 15.90 -5.60
CA GLY A 149 12.39 16.27 -4.21
C GLY A 149 11.09 16.14 -3.43
N ALA A 150 9.97 15.80 -4.07
CA ALA A 150 8.71 15.62 -3.35
C ALA A 150 8.38 14.14 -3.22
N SER A 151 7.84 13.75 -2.05
CA SER A 151 7.44 12.36 -1.85
C SER A 151 6.07 12.32 -1.19
N TYR A 152 5.35 11.23 -1.44
CA TYR A 152 4.03 10.99 -0.87
C TYR A 152 3.93 9.49 -0.62
N GLY A 153 2.97 9.08 0.21
CA GLY A 153 3.11 7.86 0.99
C GLY A 153 2.18 6.72 0.63
N CYS A 154 2.68 5.50 0.81
CA CYS A 154 1.88 4.28 0.82
C CYS A 154 2.12 3.65 2.19
N HIS A 155 1.14 3.76 3.09
CA HIS A 155 1.29 3.34 4.48
C HIS A 155 0.65 1.97 4.68
N GLU A 156 1.29 1.14 5.51
CA GLU A 156 0.73 -0.12 5.94
C GLU A 156 0.35 0.00 7.40
N ASN A 157 -0.81 -0.52 7.76
CA ASN A 157 -1.26 -0.55 9.14
C ASN A 157 -1.43 -1.98 9.60
N TYR A 158 -0.91 -2.27 10.79
CA TYR A 158 -1.01 -3.60 11.40
C TYR A 158 -1.47 -3.49 12.85
N LEU A 159 -2.48 -4.27 13.21
CA LEU A 159 -2.95 -4.34 14.58
C LEU A 159 -2.06 -5.31 15.37
N MET A 160 -1.61 -4.87 16.55
CA MET A 160 -0.68 -5.60 17.40
C MET A 160 -1.18 -5.61 18.84
N ASN A 161 -0.64 -6.53 19.64
CA ASN A 161 -0.90 -6.47 21.08
C ASN A 161 -0.34 -5.18 21.65
N ARG A 162 -1.15 -4.46 22.44
CA ARG A 162 -0.63 -3.33 23.21
C ARG A 162 0.53 -3.73 24.12
N SER A 163 0.52 -4.96 24.63
CA SER A 163 1.54 -5.35 25.61
CA SER A 163 1.54 -5.35 25.60
C SER A 163 2.94 -5.45 25.00
N THR A 164 3.04 -5.72 23.70
CA THR A 164 4.36 -5.93 23.10
C THR A 164 5.23 -4.68 23.33
N PRO A 165 6.43 -4.83 23.91
CA PRO A 165 7.23 -3.64 24.25
C PRO A 165 7.77 -2.97 23.00
N PHE A 166 7.60 -1.65 22.94
CA PHE A 166 7.96 -0.93 21.73
C PHE A 166 9.44 -1.01 21.43
N ALA A 167 10.31 -1.11 22.45
CA ALA A 167 11.73 -1.18 22.15
C ALA A 167 12.07 -2.41 21.31
N ASP A 168 11.34 -3.50 21.53
CA ASP A 168 11.54 -4.70 20.72
C ASP A 168 10.97 -4.54 19.33
N ILE A 169 9.84 -3.83 19.20
CA ILE A 169 9.28 -3.53 17.89
C ILE A 169 10.30 -2.76 17.06
N VAL A 170 10.89 -1.72 17.65
CA VAL A 170 11.88 -0.89 16.96
C VAL A 170 13.09 -1.71 16.57
N ARG A 171 13.70 -2.43 17.52
CA ARG A 171 15.02 -2.98 17.23
C ARG A 171 14.93 -4.16 16.27
N HIS A 172 13.81 -4.89 16.27
CA HIS A 172 13.65 -5.98 15.32
C HIS A 172 13.10 -5.54 13.97
N LEU A 173 12.34 -4.42 13.90
CA LEU A 173 11.81 -3.99 12.62
C LEU A 173 12.79 -3.15 11.81
N ILE A 174 13.63 -2.33 12.44
CA ILE A 174 14.50 -1.46 11.64
C ILE A 174 15.33 -2.27 10.62
N PRO A 175 16.03 -3.34 11.00
CA PRO A 175 16.84 -4.05 10.00
C PRO A 175 16.00 -4.76 8.96
N PHE A 176 14.81 -5.21 9.34
CA PHE A 176 13.89 -5.81 8.39
C PHE A 176 13.44 -4.78 7.37
N PHE A 177 13.07 -3.57 7.83
CA PHE A 177 12.59 -2.55 6.91
C PHE A 177 13.73 -2.03 6.02
N VAL A 178 14.93 -1.91 6.58
CA VAL A 178 16.09 -1.48 5.80
C VAL A 178 16.33 -2.41 4.61
N THR A 179 16.07 -3.70 4.77
CA THR A 179 16.43 -4.69 3.76
C THR A 179 15.25 -5.23 2.94
N ARG A 180 14.00 -5.05 3.39
CA ARG A 180 12.93 -5.71 2.63
C ARG A 180 12.72 -5.08 1.27
N GLN A 181 13.26 -3.89 1.02
CA GLN A 181 13.16 -3.29 -0.29
C GLN A 181 13.79 -4.14 -1.39
N VAL A 182 14.64 -5.12 -1.06
CA VAL A 182 15.16 -5.98 -2.13
C VAL A 182 14.06 -6.74 -2.85
N PHE A 183 12.90 -6.96 -2.21
CA PHE A 183 11.74 -7.43 -2.95
C PHE A 183 10.55 -6.47 -2.94
N CYS A 184 10.51 -5.48 -2.04
CA CYS A 184 9.40 -4.51 -1.97
C CYS A 184 9.62 -3.28 -2.85
N GLY A 185 10.85 -3.02 -3.28
CA GLY A 185 11.12 -1.75 -3.96
C GLY A 185 10.41 -1.68 -5.30
N ALA A 186 9.94 -0.48 -5.63
CA ALA A 186 9.26 -0.24 -6.90
C ALA A 186 10.18 0.32 -7.97
N GLY A 187 11.44 0.60 -7.63
CA GLY A 187 12.44 1.11 -8.56
C GLY A 187 12.39 2.63 -8.73
N ARG A 188 13.53 3.25 -8.98
CA ARG A 188 13.55 4.69 -9.22
C ARG A 188 14.79 5.04 -10.05
N VAL A 189 14.60 5.94 -11.02
CA VAL A 189 15.70 6.51 -11.80
C VAL A 189 16.09 7.84 -11.17
N GLY A 190 17.35 7.96 -10.73
CA GLY A 190 17.81 9.17 -10.06
C GLY A 190 18.18 8.88 -8.61
N ILE A 191 19.29 9.44 -8.14
CA ILE A 191 19.86 9.11 -6.84
C ILE A 191 19.91 10.38 -6.00
N GLY A 192 19.53 10.27 -4.73
CA GLY A 192 19.35 11.45 -3.91
C GLY A 192 17.92 11.97 -3.98
N ALA A 193 17.47 12.58 -2.89
CA ALA A 193 16.09 13.05 -2.84
C ALA A 193 15.81 14.01 -3.99
N ASP A 194 16.78 14.85 -4.35
CA ASP A 194 16.58 15.82 -5.42
C ASP A 194 16.77 15.22 -6.80
N GLY A 195 17.11 13.94 -6.91
CA GLY A 195 17.25 13.31 -8.21
C GLY A 195 18.47 13.71 -9.01
N ARG A 196 19.43 14.42 -8.42
CA ARG A 196 20.57 14.91 -9.19
C ARG A 196 21.64 13.85 -9.47
N GLY A 197 21.73 12.80 -8.64
CA GLY A 197 22.68 11.73 -8.91
C GLY A 197 22.16 10.80 -10.00
N GLU A 198 23.09 10.32 -10.83
CA GLU A 198 22.73 9.46 -11.96
C GLU A 198 22.75 8.01 -11.53
N GLY A 199 21.72 7.26 -11.94
CA GLY A 199 21.68 5.84 -11.72
C GLY A 199 20.31 5.33 -11.32
N PHE A 200 20.20 4.02 -11.15
CA PHE A 200 18.95 3.37 -10.79
C PHE A 200 19.05 2.86 -9.35
N GLN A 201 17.94 2.92 -8.61
CA GLN A 201 17.93 2.40 -7.23
C GLN A 201 16.67 1.58 -7.00
N LEU A 202 16.72 0.79 -5.91
CA LEU A 202 15.66 -0.18 -5.61
C LEU A 202 14.34 0.49 -5.25
N SER A 203 14.39 1.59 -4.50
CA SER A 203 13.17 2.12 -3.91
C SER A 203 13.05 3.61 -4.18
N GLN A 204 11.80 4.06 -4.19
CA GLN A 204 11.52 5.49 -4.28
C GLN A 204 11.64 6.17 -2.93
N ARG A 205 11.29 5.48 -1.84
CA ARG A 205 11.17 6.14 -0.56
C ARG A 205 12.51 6.30 0.18
N ALA A 206 13.53 5.49 -0.12
CA ALA A 206 14.71 5.42 0.75
C ALA A 206 15.35 6.78 0.97
N ASP A 207 15.50 7.59 -0.09
CA ASP A 207 16.22 8.85 0.01
C ASP A 207 15.49 9.88 0.86
N PHE A 208 14.24 9.64 1.20
CA PHE A 208 13.45 10.57 1.99
C PHE A 208 13.46 10.24 3.47
N PHE A 209 14.09 9.14 3.86
CA PHE A 209 14.12 8.76 5.27
C PHE A 209 15.43 9.23 5.89
N GLU A 210 15.32 9.85 7.06
CA GLU A 210 16.41 10.61 7.65
C GLU A 210 16.73 10.24 9.10
N VAL A 211 15.83 9.56 9.82
CA VAL A 211 16.05 9.23 11.23
C VAL A 211 15.49 7.84 11.50
N GLU A 212 15.81 7.30 12.67
CA GLU A 212 15.39 5.94 12.99
C GLU A 212 13.94 5.87 13.49
N VAL A 213 13.55 6.78 14.38
CA VAL A 213 12.27 6.70 15.10
C VAL A 213 11.69 8.09 15.23
N GLY A 214 10.38 8.23 15.04
CA GLY A 214 9.78 9.54 15.21
C GLY A 214 8.32 9.58 14.84
N LEU A 215 7.71 10.76 15.05
CA LEU A 215 6.31 11.00 14.73
C LEU A 215 6.06 11.43 13.30
N GLU A 216 7.06 11.95 12.60
CA GLU A 216 6.84 12.61 11.31
C GLU A 216 6.35 11.66 10.24
N THR A 217 5.57 12.20 9.30
CA THR A 217 5.28 11.50 8.06
C THR A 217 5.61 12.29 6.80
N THR A 218 5.88 13.61 6.89
CA THR A 218 6.08 14.44 5.69
C THR A 218 7.49 14.99 5.53
N LEU A 219 8.32 14.94 6.56
CA LEU A 219 9.67 15.47 6.52
C LEU A 219 10.46 14.76 7.60
N LYS A 220 11.79 14.79 7.49
CA LYS A 220 12.65 14.09 8.44
C LYS A 220 12.10 12.70 8.80
N ARG A 221 11.74 11.96 7.76
CA ARG A 221 10.87 10.80 7.97
C ARG A 221 11.62 9.69 8.71
N PRO A 222 10.94 9.01 9.64
CA PRO A 222 11.57 7.97 10.45
C PRO A 222 11.34 6.57 9.90
N ILE A 223 12.36 5.70 10.00
CA ILE A 223 12.18 4.31 9.62
C ILE A 223 11.01 3.69 10.39
N ILE A 224 10.92 3.98 11.68
CA ILE A 224 9.79 3.54 12.50
C ILE A 224 8.99 4.79 12.88
N ASN A 225 7.79 4.91 12.33
CA ASN A 225 6.86 5.94 12.78
C ASN A 225 6.20 5.48 14.08
N THR A 226 6.02 6.41 15.04
CA THR A 226 5.57 6.02 16.38
C THR A 226 4.11 6.32 16.68
N ARG A 227 3.34 6.85 15.72
CA ARG A 227 1.93 7.14 15.98
C ARG A 227 1.18 5.86 16.30
N ASP A 228 0.34 5.91 17.34
CA ASP A 228 -0.36 4.71 17.82
C ASP A 228 -1.84 5.06 18.01
N GLU A 229 -2.60 4.98 16.92
CA GLU A 229 -3.99 5.46 16.88
C GLU A 229 -4.88 4.35 16.32
N PRO A 230 -5.19 3.34 17.13
CA PRO A 230 -5.79 2.11 16.59
C PRO A 230 -7.25 2.19 16.20
N HIS A 231 -7.99 3.24 16.56
CA HIS A 231 -9.43 3.25 16.28
C HIS A 231 -10.07 1.95 16.74
N ALA A 232 -9.63 1.46 17.89
CA ALA A 232 -10.07 0.22 18.51
C ALA A 232 -9.69 0.33 19.98
N ASP A 233 -9.98 -0.72 20.75
CA ASP A 233 -9.76 -0.70 22.19
C ASP A 233 -8.27 -0.46 22.51
N PRO A 234 -7.89 0.74 22.94
CA PRO A 234 -6.46 1.03 23.14
C PRO A 234 -5.85 0.29 24.33
N GLU A 235 -6.69 -0.34 25.15
CA GLU A 235 -6.23 -1.23 26.20
C GLU A 235 -5.78 -2.57 25.64
N LYS A 236 -6.29 -2.95 24.48
CA LYS A 236 -5.94 -4.23 23.87
C LYS A 236 -4.94 -4.09 22.73
N TYR A 237 -5.00 -3.01 21.94
CA TYR A 237 -4.36 -2.98 20.63
C TYR A 237 -3.41 -1.81 20.47
N ARG A 238 -2.28 -2.07 19.84
CA ARG A 238 -1.48 -1.04 19.21
C ARG A 238 -1.75 -1.09 17.71
N ARG A 239 -1.79 0.08 17.06
CA ARG A 239 -1.76 0.14 15.61
C ARG A 239 -0.36 0.54 15.18
N LEU A 240 0.34 -0.37 14.51
CA LEU A 240 1.64 -0.06 13.93
C LEU A 240 1.41 0.62 12.58
N HIS A 241 1.92 1.83 12.45
CA HIS A 241 1.71 2.68 11.27
C HIS A 241 3.05 2.72 10.53
N VAL A 242 3.17 1.93 9.48
CA VAL A 242 4.41 1.82 8.70
C VAL A 242 4.31 2.76 7.51
N ILE A 243 5.36 3.55 7.29
CA ILE A 243 5.33 4.57 6.23
C ILE A 243 6.46 4.41 5.22
N ILE A 244 7.33 3.41 5.37
CA ILE A 244 8.56 3.38 4.58
C ILE A 244 8.42 2.69 3.23
N GLY A 245 7.33 1.94 3.01
CA GLY A 245 7.22 1.16 1.77
C GLY A 245 6.84 2.01 0.55
N ASP A 246 7.44 1.66 -0.59
CA ASP A 246 6.90 2.13 -1.88
C ASP A 246 5.53 1.51 -2.14
N ALA A 247 4.67 2.27 -2.81
CA ALA A 247 3.49 1.67 -3.42
C ALA A 247 3.94 0.66 -4.47
N ASN A 248 3.30 -0.51 -4.48
CA ASN A 248 3.61 -1.54 -5.45
C ASN A 248 2.46 -1.72 -6.44
N MET A 249 2.82 -1.94 -7.70
CA MET A 249 1.84 -2.38 -8.71
C MET A 249 1.71 -3.90 -8.68
N SER A 250 2.83 -4.58 -8.78
CA SER A 250 2.90 -6.03 -8.70
C SER A 250 2.18 -6.58 -7.47
N GLU A 251 1.22 -7.48 -7.71
CA GLU A 251 0.50 -8.13 -6.64
C GLU A 251 1.41 -9.04 -5.83
N ILE A 252 2.44 -9.62 -6.46
CA ILE A 252 3.37 -10.46 -5.72
C ILE A 252 4.14 -9.61 -4.72
N ALA A 253 4.56 -8.43 -5.16
CA ALA A 253 5.28 -7.53 -4.27
C ALA A 253 4.39 -7.07 -3.12
N THR A 254 3.17 -6.64 -3.40
CA THR A 254 2.31 -6.18 -2.30
C THR A 254 2.04 -7.33 -1.33
N TYR A 255 1.83 -8.53 -1.86
CA TYR A 255 1.60 -9.72 -1.04
C TYR A 255 2.78 -10.02 -0.13
N LEU A 256 4.00 -10.04 -0.68
CA LEU A 256 5.19 -10.27 0.15
C LEU A 256 5.38 -9.16 1.18
N LYS A 257 5.17 -7.91 0.77
CA LYS A 257 5.36 -6.78 1.67
C LYS A 257 4.50 -6.93 2.91
N LEU A 258 3.20 -7.16 2.73
CA LEU A 258 2.30 -7.28 3.86
C LEU A 258 2.47 -8.61 4.57
N GLY A 259 2.67 -9.69 3.82
CA GLY A 259 2.69 -11.01 4.42
C GLY A 259 3.95 -11.29 5.23
N THR A 260 5.11 -10.94 4.68
CA THR A 260 6.35 -11.14 5.43
C THR A 260 6.39 -10.22 6.65
N THR A 261 5.95 -8.97 6.51
CA THR A 261 5.93 -8.08 7.67
C THR A 261 5.05 -8.66 8.78
N ALA A 262 3.88 -9.20 8.41
CA ALA A 262 2.99 -9.79 9.40
C ALA A 262 3.65 -10.95 10.12
N LEU A 263 4.40 -11.79 9.38
CA LEU A 263 5.09 -12.91 10.02
C LEU A 263 6.15 -12.42 11.01
N VAL A 264 6.90 -11.37 10.63
CA VAL A 264 7.89 -10.81 11.54
C VAL A 264 7.20 -10.22 12.77
N LEU A 265 6.05 -9.58 12.59
CA LEU A 265 5.34 -9.05 13.76
C LEU A 265 4.93 -10.15 14.73
N ALA A 266 4.50 -11.30 14.22
CA ALA A 266 4.13 -12.39 15.12
C ALA A 266 5.33 -12.84 15.95
N MET A 267 6.51 -12.93 15.31
CA MET A 267 7.71 -13.27 16.07
C MET A 267 8.06 -12.20 17.10
N ILE A 268 7.92 -10.92 16.75
CA ILE A 268 8.24 -9.86 17.70
C ILE A 268 7.29 -9.91 18.89
N GLU A 269 5.99 -10.07 18.61
CA GLU A 269 5.02 -10.11 19.71
C GLU A 269 5.34 -11.25 20.68
N ASP A 270 5.75 -12.40 20.15
CA ASP A 270 5.98 -13.59 20.97
C ASP A 270 7.37 -13.62 21.60
N GLY A 271 8.20 -12.60 21.36
CA GLY A 271 9.55 -12.62 21.89
C GLY A 271 10.42 -13.72 21.33
N PHE A 272 10.15 -14.14 20.10
CA PHE A 272 10.84 -15.28 19.50
C PHE A 272 12.25 -14.95 19.02
N LEU A 273 12.52 -13.70 18.64
CA LEU A 273 13.81 -13.36 18.04
C LEU A 273 14.82 -13.14 19.16
N SER A 274 15.77 -14.05 19.30
CA SER A 274 16.80 -13.89 20.33
C SER A 274 18.08 -13.27 19.80
N GLN A 275 18.31 -13.26 18.49
CA GLN A 275 19.54 -12.64 18.03
C GLN A 275 19.35 -11.13 17.86
N ASP A 276 20.47 -10.46 17.65
CA ASP A 276 20.51 -9.00 17.50
C ASP A 276 20.74 -8.73 16.01
N PHE A 277 19.74 -8.20 15.33
CA PHE A 277 19.89 -7.87 13.92
C PHE A 277 20.29 -6.42 13.68
N SER A 278 20.49 -5.63 14.74
CA SER A 278 20.73 -4.21 14.59
CA SER A 278 20.72 -4.20 14.57
C SER A 278 22.00 -3.94 13.79
N VAL A 279 21.99 -2.83 13.04
CA VAL A 279 23.09 -2.51 12.15
C VAL A 279 23.60 -1.11 12.48
N GLU A 280 24.86 -0.89 12.10
CA GLU A 280 25.45 0.43 12.23
C GLU A 280 24.83 1.35 11.20
N SER A 281 24.53 2.58 11.62
CA SER A 281 23.96 3.62 10.76
C SER A 281 22.83 3.11 9.87
N PRO A 282 21.71 2.69 10.44
CA PRO A 282 20.64 2.09 9.62
C PRO A 282 20.08 3.04 8.55
N VAL A 283 20.03 4.36 8.80
CA VAL A 283 19.54 5.28 7.77
C VAL A 283 20.51 5.27 6.60
N GLY A 284 21.81 5.37 6.88
CA GLY A 284 22.80 5.22 5.82
C GLY A 284 22.69 3.90 5.10
N ALA A 285 22.46 2.81 5.84
CA ALA A 285 22.31 1.49 5.20
C ALA A 285 21.07 1.46 4.31
N LEU A 286 19.96 2.06 4.77
CA LEU A 286 18.76 2.10 3.95
C LEU A 286 19.05 2.69 2.57
N ARG A 287 19.73 3.84 2.55
CA ARG A 287 20.09 4.51 1.29
C ARG A 287 21.04 3.66 0.47
N ALA A 288 22.06 3.10 1.12
CA ALA A 288 23.09 2.35 0.40
C ALA A 288 22.53 1.08 -0.21
N VAL A 289 21.62 0.40 0.51
CA VAL A 289 20.97 -0.78 -0.06
C VAL A 289 20.15 -0.39 -1.28
N SER A 290 19.37 0.69 -1.17
CA SER A 290 18.58 1.15 -2.32
C SER A 290 19.50 1.48 -3.49
N HIS A 291 20.60 2.18 -3.23
CA HIS A 291 21.46 2.64 -4.32
C HIS A 291 22.32 1.54 -4.94
N ASP A 292 22.26 0.30 -4.46
CA ASP A 292 23.03 -0.80 -5.09
C ASP A 292 22.12 -1.87 -5.63
N PRO A 293 21.62 -1.72 -6.87
CA PRO A 293 20.76 -2.76 -7.46
C PRO A 293 21.49 -4.04 -7.82
N THR A 294 22.81 -4.12 -7.69
CA THR A 294 23.48 -5.41 -7.82
C THR A 294 23.33 -6.27 -6.56
N LEU A 295 22.84 -5.69 -5.46
CA LEU A 295 22.49 -6.43 -4.25
C LEU A 295 23.71 -6.99 -3.53
N ARG A 296 24.87 -6.33 -3.67
CA ARG A 296 26.09 -6.79 -3.05
CA ARG A 296 26.10 -6.78 -3.06
C ARG A 296 26.51 -5.97 -1.84
N TYR A 297 25.97 -4.76 -1.67
CA TYR A 297 26.32 -3.94 -0.52
C TYR A 297 26.09 -4.72 0.78
N GLN A 298 27.04 -4.62 1.70
CA GLN A 298 26.99 -5.36 2.94
C GLN A 298 26.66 -4.44 4.11
N LEU A 299 25.62 -4.80 4.86
CA LEU A 299 25.35 -4.12 6.11
C LEU A 299 26.34 -4.58 7.18
N ARG A 300 26.64 -3.68 8.11
CA ARG A 300 27.54 -3.95 9.22
C ARG A 300 26.70 -4.11 10.48
N LEU A 301 26.45 -5.37 10.87
CA LEU A 301 25.68 -5.65 12.07
C LEU A 301 26.50 -5.37 13.32
N HIS A 302 25.81 -4.92 14.37
CA HIS A 302 26.47 -4.66 15.65
C HIS A 302 27.16 -5.89 16.20
N ASP A 303 26.65 -7.08 15.89
CA ASP A 303 27.27 -8.30 16.43
C ASP A 303 28.51 -8.70 15.63
N GLY A 304 28.95 -7.88 14.69
CA GLY A 304 30.13 -8.13 13.91
C GLY A 304 29.89 -8.75 12.54
N ARG A 305 28.71 -9.32 12.31
CA ARG A 305 28.44 -9.93 11.01
C ARG A 305 28.44 -8.87 9.90
N ARG A 306 28.72 -9.33 8.68
CA ARG A 306 28.64 -8.50 7.48
C ARG A 306 27.76 -9.26 6.50
N LEU A 307 26.56 -8.71 6.22
CA LEU A 307 25.55 -9.42 5.46
C LEU A 307 24.96 -8.47 4.43
N THR A 308 24.72 -8.99 3.22
CA THR A 308 23.94 -8.21 2.26
C THR A 308 22.50 -8.12 2.74
N ALA A 309 21.73 -7.21 2.13
CA ALA A 309 20.31 -7.12 2.47
C ALA A 309 19.59 -8.45 2.19
N VAL A 310 19.92 -9.11 1.08
CA VAL A 310 19.33 -10.42 0.79
C VAL A 310 19.69 -11.42 1.89
N GLN A 311 20.95 -11.43 2.32
CA GLN A 311 21.37 -12.35 3.37
C GLN A 311 20.66 -12.07 4.67
N LEU A 312 20.51 -10.80 5.05
CA LEU A 312 19.80 -10.48 6.28
C LEU A 312 18.33 -10.88 6.18
N GLN A 313 17.70 -10.66 5.01
CA GLN A 313 16.34 -11.16 4.80
C GLN A 313 16.27 -12.67 4.97
N MET A 314 17.29 -13.39 4.50
N MET A 314 17.28 -13.40 4.50
CA MET A 314 17.26 -14.84 4.66
CA MET A 314 17.25 -14.85 4.67
C MET A 314 17.28 -15.24 6.13
C MET A 314 17.28 -15.24 6.14
N GLU A 315 17.93 -14.43 6.98
CA GLU A 315 17.94 -14.73 8.41
C GLU A 315 16.55 -14.55 9.02
N TYR A 316 15.84 -13.47 8.63
CA TYR A 316 14.45 -13.32 9.09
C TYR A 316 13.57 -14.47 8.58
N LEU A 317 13.74 -14.84 7.31
CA LEU A 317 12.94 -15.94 6.77
C LEU A 317 13.19 -17.23 7.53
N GLU A 318 14.47 -17.52 7.82
CA GLU A 318 14.77 -18.76 8.52
C GLU A 318 14.15 -18.77 9.92
N GLN A 319 14.18 -17.63 10.61
CA GLN A 319 13.52 -17.56 11.91
C GLN A 319 12.01 -17.73 11.77
N ALA A 320 11.40 -17.11 10.75
CA ALA A 320 9.97 -17.27 10.56
C ALA A 320 9.62 -18.73 10.31
N ARG A 321 10.44 -19.43 9.52
CA ARG A 321 10.19 -20.86 9.31
C ARG A 321 10.24 -21.62 10.64
N LYS A 322 11.27 -21.36 11.45
CA LYS A 322 11.39 -22.03 12.73
C LYS A 322 10.21 -21.68 13.65
N TYR A 323 9.79 -20.43 13.63
CA TYR A 323 8.67 -20.00 14.44
C TYR A 323 7.41 -20.78 14.10
N VAL A 324 7.09 -20.86 12.81
CA VAL A 324 5.87 -21.54 12.37
C VAL A 324 5.93 -23.04 12.65
N GLU A 325 7.08 -23.67 12.43
CA GLU A 325 7.24 -25.09 12.78
C GLU A 325 7.07 -25.30 14.28
N ASP A 326 7.74 -24.47 15.09
CA ASP A 326 7.65 -24.60 16.54
C ASP A 326 6.22 -24.44 17.03
N ARG A 327 5.48 -23.50 16.44
CA ARG A 327 4.14 -23.19 16.94
C ARG A 327 3.10 -24.19 16.45
N PHE A 328 3.17 -24.57 15.17
CA PHE A 328 2.08 -25.29 14.52
C PHE A 328 2.47 -26.67 13.99
N GLY A 329 3.77 -26.98 13.88
CA GLY A 329 4.15 -28.24 13.27
C GLY A 329 3.96 -28.18 11.76
N THR A 330 3.19 -29.14 11.22
CA THR A 330 2.73 -29.09 9.83
C THR A 330 1.28 -28.67 9.72
N ASP A 331 0.62 -28.42 10.86
CA ASP A 331 -0.70 -27.81 10.95
C ASP A 331 -0.70 -26.32 10.63
N VAL A 332 0.03 -25.92 9.60
CA VAL A 332 0.19 -24.53 9.20
C VAL A 332 -0.91 -24.19 8.20
N ASP A 333 -1.50 -22.99 8.31
CA ASP A 333 -2.50 -22.60 7.32
C ASP A 333 -1.84 -22.36 5.96
N ASP A 334 -2.60 -22.60 4.88
CA ASP A 334 -2.03 -22.58 3.54
C ASP A 334 -1.39 -21.24 3.21
N MET A 335 -2.00 -20.13 3.65
CA MET A 335 -1.48 -18.82 3.24
C MET A 335 -0.15 -18.53 3.93
N THR A 336 -0.03 -18.86 5.22
CA THR A 336 1.27 -18.74 5.89
C THR A 336 2.33 -19.55 5.16
N ARG A 337 2.00 -20.78 4.80
CA ARG A 337 2.93 -21.62 4.04
C ARG A 337 3.29 -20.96 2.71
N ASP A 338 2.29 -20.41 2.02
CA ASP A 338 2.54 -19.77 0.73
C ASP A 338 3.45 -18.55 0.88
N VAL A 339 3.23 -17.72 1.91
CA VAL A 339 4.09 -16.55 2.11
C VAL A 339 5.53 -16.97 2.35
N LEU A 340 5.73 -17.97 3.22
CA LEU A 340 7.07 -18.46 3.51
C LEU A 340 7.76 -18.99 2.25
N ASP A 341 7.03 -19.79 1.46
CA ASP A 341 7.60 -20.36 0.24
C ASP A 341 7.97 -19.27 -0.75
N ARG A 342 7.08 -18.29 -0.98
CA ARG A 342 7.37 -17.21 -1.92
C ARG A 342 8.50 -16.32 -1.41
N TRP A 343 8.52 -16.03 -0.12
CA TRP A 343 9.61 -15.25 0.46
C TRP A 343 10.95 -15.95 0.18
N GLU A 344 11.01 -17.26 0.42
CA GLU A 344 12.26 -17.99 0.24
C GLU A 344 12.66 -18.03 -1.23
N THR A 345 11.72 -18.40 -2.11
CA THR A 345 12.06 -18.50 -3.53
CA THR A 345 12.03 -18.49 -3.54
C THR A 345 12.50 -17.14 -4.08
N THR A 346 11.87 -16.07 -3.65
CA THR A 346 12.27 -14.74 -4.11
C THR A 346 13.68 -14.40 -3.65
N LEU A 347 14.01 -14.71 -2.39
CA LEU A 347 15.36 -14.41 -1.91
C LEU A 347 16.41 -15.28 -2.59
N VAL A 348 16.09 -16.55 -2.84
CA VAL A 348 17.02 -17.44 -3.54
C VAL A 348 17.28 -16.91 -4.95
N ARG A 349 16.22 -16.48 -5.63
CA ARG A 349 16.40 -15.99 -7.00
C ARG A 349 17.08 -14.64 -7.03
N LEU A 350 16.82 -13.78 -6.04
CA LEU A 350 17.53 -12.50 -5.96
C LEU A 350 19.03 -12.73 -5.80
N ALA A 351 19.41 -13.72 -5.00
CA ALA A 351 20.83 -14.00 -4.78
C ALA A 351 21.47 -14.62 -6.01
N ASP A 352 20.72 -15.42 -6.76
CA ASP A 352 21.25 -16.06 -7.95
C ASP A 352 21.33 -15.08 -9.12
N ASP A 353 20.16 -14.61 -9.59
CA ASP A 353 20.09 -13.66 -10.68
C ASP A 353 18.77 -12.89 -10.58
N PRO A 354 18.79 -11.64 -10.13
CA PRO A 354 17.52 -10.92 -9.90
C PRO A 354 16.68 -10.76 -11.15
N MET A 355 17.27 -10.80 -12.35
CA MET A 355 16.49 -10.59 -13.56
C MET A 355 15.51 -11.73 -13.83
N GLN A 356 15.65 -12.87 -13.18
CA GLN A 356 14.61 -13.89 -13.34
C GLN A 356 13.34 -13.56 -12.58
N LEU A 357 13.32 -12.47 -11.83
CA LEU A 357 12.14 -12.02 -11.10
C LEU A 357 11.37 -10.92 -11.83
N SER A 358 11.62 -10.75 -13.15
CA SER A 358 11.03 -9.64 -13.88
C SER A 358 9.51 -9.75 -14.03
N ARG A 359 8.93 -10.92 -13.77
CA ARG A 359 7.48 -11.08 -13.76
C ARG A 359 6.87 -10.91 -12.37
N ASP A 360 7.69 -10.70 -11.34
CA ASP A 360 7.20 -10.71 -9.97
C ASP A 360 7.44 -9.41 -9.22
N LEU A 361 8.57 -8.73 -9.44
CA LEU A 361 8.93 -7.58 -8.61
C LEU A 361 8.90 -6.30 -9.43
N ASP A 362 8.38 -5.22 -8.85
CA ASP A 362 8.27 -3.96 -9.60
C ASP A 362 9.63 -3.45 -10.03
N TRP A 363 10.60 -3.40 -9.11
CA TRP A 363 11.87 -2.79 -9.52
C TRP A 363 12.55 -3.61 -10.61
N VAL A 364 12.37 -4.95 -10.61
CA VAL A 364 12.98 -5.77 -11.65
C VAL A 364 12.25 -5.58 -12.98
N ALA A 365 10.91 -5.64 -12.95
CA ALA A 365 10.14 -5.45 -14.17
C ALA A 365 10.44 -4.10 -14.80
N LYS A 366 10.48 -3.06 -13.98
CA LYS A 366 10.79 -1.71 -14.46
C LYS A 366 12.22 -1.62 -14.99
N LEU A 367 13.17 -2.20 -14.25
CA LEU A 367 14.56 -2.17 -14.69
C LEU A 367 14.74 -2.90 -16.03
N SER A 368 13.98 -3.97 -16.24
N SER A 368 13.99 -3.97 -16.23
CA SER A 368 14.08 -4.71 -17.50
CA SER A 368 14.08 -4.71 -17.49
C SER A 368 13.69 -3.83 -18.67
C SER A 368 13.70 -3.82 -18.66
N ILE A 369 12.67 -2.99 -18.50
CA ILE A 369 12.31 -2.03 -19.54
C ILE A 369 13.40 -0.99 -19.70
N LEU A 370 13.86 -0.42 -18.59
CA LEU A 370 14.87 0.63 -18.63
C LEU A 370 16.14 0.17 -19.32
N GLU A 371 16.66 -1.01 -18.93
CA GLU A 371 17.89 -1.49 -19.54
C GLU A 371 17.68 -1.84 -21.01
N GLY A 372 16.48 -2.33 -21.36
CA GLY A 372 16.16 -2.55 -22.76
C GLY A 372 16.33 -1.31 -23.60
N TYR A 373 15.81 -0.18 -23.13
CA TYR A 373 15.98 1.08 -23.85
C TYR A 373 17.42 1.56 -23.80
N ARG A 374 18.09 1.37 -22.66
CA ARG A 374 19.49 1.78 -22.57
C ARG A 374 20.34 1.02 -23.57
N GLN A 375 20.03 -0.25 -23.78
CA GLN A 375 20.80 -1.05 -24.75
C GLN A 375 20.39 -0.70 -26.17
N ARG A 376 19.09 -0.60 -26.43
CA ARG A 376 18.61 -0.35 -27.78
C ARG A 376 19.03 1.02 -28.30
N GLU A 377 19.01 2.04 -27.43
CA GLU A 377 19.21 3.42 -27.87
C GLU A 377 20.42 4.08 -27.24
N ASN A 378 21.27 3.31 -26.55
CA ASN A 378 22.53 3.81 -25.98
C ASN A 378 22.31 5.01 -25.06
N LEU A 379 21.38 4.85 -24.11
CA LEU A 379 21.02 5.99 -23.27
C LEU A 379 21.77 5.98 -21.95
N PRO A 380 22.30 7.12 -21.53
CA PRO A 380 22.80 7.24 -20.16
C PRO A 380 21.64 7.27 -19.17
N TRP A 381 21.97 7.09 -17.88
CA TRP A 381 20.92 7.05 -16.86
C TRP A 381 20.23 8.40 -16.69
N SER A 382 20.83 9.49 -17.20
CA SER A 382 20.22 10.81 -17.14
C SER A 382 19.18 11.06 -18.23
N ALA A 383 18.98 10.11 -19.15
CA ALA A 383 18.10 10.35 -20.28
C ALA A 383 16.66 10.57 -19.83
N HIS A 384 16.00 11.56 -20.42
CA HIS A 384 14.63 11.88 -20.02
C HIS A 384 13.66 10.74 -20.30
N LYS A 385 13.89 9.96 -21.36
CA LYS A 385 13.01 8.85 -21.63
C LYS A 385 12.99 7.86 -20.47
N LEU A 386 14.13 7.68 -19.80
CA LEU A 386 14.16 6.77 -18.66
C LEU A 386 13.34 7.31 -17.49
N GLN A 387 13.37 8.64 -17.30
CA GLN A 387 12.50 9.27 -16.30
C GLN A 387 11.04 9.04 -16.63
N LEU A 388 10.69 9.13 -17.92
CA LEU A 388 9.30 8.92 -18.30
C LEU A 388 8.86 7.49 -18.00
N VAL A 389 9.72 6.50 -18.31
CA VAL A 389 9.38 5.12 -17.99
C VAL A 389 9.18 4.94 -16.49
N ASP A 390 10.07 5.54 -15.69
CA ASP A 390 10.00 5.44 -14.23
C ASP A 390 8.64 5.88 -13.71
N LEU A 391 8.10 6.96 -14.26
CA LEU A 391 6.83 7.50 -13.78
CA LEU A 391 6.83 7.51 -13.78
C LEU A 391 5.63 6.79 -14.41
N GLN A 392 5.63 6.66 -15.74
CA GLN A 392 4.47 6.10 -16.43
C GLN A 392 4.24 4.63 -16.08
N TYR A 393 5.24 3.94 -15.53
CA TYR A 393 5.04 2.58 -15.03
C TYR A 393 3.83 2.52 -14.10
N HIS A 394 3.60 3.57 -13.32
CA HIS A 394 2.60 3.62 -12.26
C HIS A 394 1.28 4.29 -12.67
N ASP A 395 1.16 4.72 -13.93
CA ASP A 395 -0.08 5.33 -14.42
C ASP A 395 -1.24 4.35 -14.32
N VAL A 396 -2.36 4.78 -13.71
CA VAL A 396 -3.45 3.84 -13.45
C VAL A 396 -4.25 3.48 -14.71
N ARG A 397 -4.03 4.17 -15.82
CA ARG A 397 -4.82 3.87 -17.02
C ARG A 397 -4.52 2.45 -17.52
N PRO A 398 -5.53 1.65 -17.85
CA PRO A 398 -5.25 0.29 -18.34
C PRO A 398 -4.59 0.28 -19.70
N ASP A 399 -4.83 1.32 -20.50
CA ASP A 399 -4.30 1.40 -21.86
C ASP A 399 -2.97 2.14 -21.95
N ARG A 400 -2.53 2.84 -20.90
CA ARG A 400 -1.31 3.64 -21.00
C ARG A 400 -0.28 3.34 -19.91
N GLY A 401 -0.71 2.91 -18.73
CA GLY A 401 0.25 2.64 -17.66
C GLY A 401 1.11 1.43 -18.01
N LEU A 402 2.43 1.54 -17.79
CA LEU A 402 3.33 0.53 -18.33
C LEU A 402 3.20 -0.80 -17.60
N TYR A 403 3.04 -0.78 -16.27
CA TYR A 403 2.72 -2.03 -15.58
C TYR A 403 1.45 -2.64 -16.15
N ASN A 404 0.41 -1.82 -16.37
CA ASN A 404 -0.82 -2.37 -16.90
C ASN A 404 -0.63 -2.94 -18.30
N ARG A 405 0.25 -2.35 -19.09
CA ARG A 405 0.55 -2.96 -20.40
C ARG A 405 1.28 -4.29 -20.23
N LEU A 406 2.23 -4.39 -19.30
CA LEU A 406 2.88 -5.67 -19.03
C LEU A 406 1.84 -6.75 -18.72
N VAL A 407 0.87 -6.43 -17.85
CA VAL A 407 -0.17 -7.40 -17.51
C VAL A 407 -0.98 -7.77 -18.75
N ALA A 408 -1.34 -6.77 -19.56
CA ALA A 408 -2.14 -7.02 -20.75
C ALA A 408 -1.44 -7.97 -21.71
N ARG A 409 -0.11 -7.94 -21.74
CA ARG A 409 0.67 -8.79 -22.63
C ARG A 409 1.14 -10.08 -21.95
N GLY A 410 0.63 -10.38 -20.76
CA GLY A 410 1.01 -11.60 -20.08
C GLY A 410 2.41 -11.63 -19.53
N ARG A 411 3.00 -10.48 -19.21
CA ARG A 411 4.38 -10.40 -18.76
C ARG A 411 4.51 -10.18 -17.25
N MET A 412 3.41 -10.30 -16.50
CA MET A 412 3.46 -10.15 -15.05
CA MET A 412 3.43 -10.13 -15.05
C MET A 412 2.63 -11.25 -14.41
N ASN A 413 3.16 -11.86 -13.36
CA ASN A 413 2.41 -12.83 -12.60
C ASN A 413 1.41 -12.14 -11.68
N LEU A 414 0.20 -12.68 -11.63
CA LEU A 414 -0.86 -12.12 -10.80
C LEU A 414 -1.15 -13.03 -9.62
N LEU A 415 -1.71 -12.45 -8.57
CA LEU A 415 -2.14 -13.21 -7.41
C LEU A 415 -3.65 -13.40 -7.36
N VAL A 416 -4.42 -12.44 -7.84
CA VAL A 416 -5.88 -12.48 -7.82
C VAL A 416 -6.35 -12.29 -9.26
N ASP A 417 -7.61 -12.61 -9.52
CA ASP A 417 -8.10 -12.40 -10.87
C ASP A 417 -9.01 -11.18 -10.94
N GLU A 418 -9.16 -10.67 -12.15
CA GLU A 418 -9.79 -9.36 -12.33
C GLU A 418 -11.25 -9.37 -11.89
N ALA A 419 -11.97 -10.49 -12.07
CA ALA A 419 -13.35 -10.52 -11.61
C ALA A 419 -13.45 -10.28 -10.10
N ALA A 420 -12.52 -10.85 -9.33
CA ALA A 420 -12.54 -10.65 -7.88
C ALA A 420 -12.20 -9.20 -7.53
N VAL A 421 -11.26 -8.61 -8.27
CA VAL A 421 -10.91 -7.20 -8.07
C VAL A 421 -12.13 -6.31 -8.27
N ARG A 422 -12.86 -6.55 -9.38
CA ARG A 422 -14.06 -5.75 -9.65
C ARG A 422 -15.09 -5.91 -8.54
N THR A 423 -15.29 -7.14 -8.07
CA THR A 423 -16.23 -7.34 -6.97
C THR A 423 -15.76 -6.59 -5.72
N ALA A 424 -14.44 -6.59 -5.47
CA ALA A 424 -13.91 -5.92 -4.28
C ALA A 424 -14.04 -4.41 -4.36
N MET A 425 -14.33 -3.85 -5.54
CA MET A 425 -14.58 -2.41 -5.64
C MET A 425 -15.86 -2.02 -4.91
N HIS A 426 -16.82 -2.94 -4.79
CA HIS A 426 -18.09 -2.58 -4.19
C HIS A 426 -18.52 -3.46 -3.03
N GLU A 427 -17.87 -4.61 -2.81
CA GLU A 427 -18.24 -5.46 -1.68
CA GLU A 427 -18.25 -5.41 -1.66
C GLU A 427 -17.12 -5.45 -0.64
N PRO A 428 -17.45 -5.38 0.65
CA PRO A 428 -16.43 -5.38 1.70
C PRO A 428 -15.93 -6.78 1.99
N PRO A 429 -14.81 -6.90 2.71
CA PRO A 429 -14.43 -8.21 3.25
C PRO A 429 -15.46 -8.69 4.25
N ASN A 430 -15.58 -10.02 4.36
CA ASN A 430 -16.61 -10.59 5.22
C ASN A 430 -16.19 -10.74 6.67
N ASP A 431 -14.89 -10.66 6.96
CA ASP A 431 -14.37 -11.08 8.24
C ASP A 431 -13.80 -9.94 9.08
N THR A 432 -14.18 -8.69 8.78
CA THR A 432 -13.87 -7.56 9.65
C THR A 432 -15.09 -6.66 9.76
N ARG A 433 -14.98 -5.68 10.65
CA ARG A 433 -16.01 -4.67 10.80
C ARG A 433 -16.26 -3.87 9.53
N ALA A 434 -15.36 -3.93 8.54
CA ALA A 434 -15.67 -3.29 7.27
C ALA A 434 -16.92 -3.89 6.63
N TYR A 435 -17.25 -5.13 6.98
CA TYR A 435 -18.48 -5.74 6.46
C TYR A 435 -19.71 -4.91 6.81
N PHE A 436 -19.88 -4.62 8.11
CA PHE A 436 -21.04 -3.84 8.54
C PHE A 436 -21.02 -2.45 7.94
N ARG A 437 -19.85 -1.80 7.95
CA ARG A 437 -19.73 -0.45 7.41
C ARG A 437 -20.16 -0.40 5.95
N GLY A 438 -19.56 -1.27 5.12
CA GLY A 438 -19.85 -1.23 3.69
C GLY A 438 -21.25 -1.66 3.35
N ARG A 439 -21.76 -2.70 4.02
CA ARG A 439 -23.11 -3.17 3.70
C ARG A 439 -24.16 -2.15 4.12
N CYS A 440 -23.95 -1.48 5.25
CA CYS A 440 -24.85 -0.40 5.65
C CYS A 440 -24.90 0.67 4.57
N LEU A 441 -23.74 1.06 4.06
CA LEU A 441 -23.71 2.10 3.03
C LEU A 441 -24.40 1.63 1.75
N ALA A 442 -24.27 0.35 1.42
CA ALA A 442 -24.89 -0.13 0.19
C ALA A 442 -26.40 -0.21 0.34
N LYS A 443 -26.88 -0.72 1.47
CA LYS A 443 -28.30 -1.00 1.65
C LYS A 443 -29.09 0.19 2.18
N PHE A 444 -28.49 1.02 3.03
CA PHE A 444 -29.18 2.12 3.69
C PHE A 444 -28.45 3.46 3.49
N GLY A 445 -27.80 3.63 2.33
CA GLY A 445 -26.94 4.79 2.14
C GLY A 445 -27.66 6.11 2.39
N ALA A 446 -28.90 6.22 1.92
CA ALA A 446 -29.63 7.47 2.08
C ALA A 446 -29.84 7.84 3.54
N GLU A 447 -29.66 6.90 4.46
CA GLU A 447 -29.89 7.14 5.88
C GLU A 447 -28.61 7.09 6.70
N ILE A 448 -27.45 7.08 6.06
CA ILE A 448 -26.17 7.14 6.75
C ILE A 448 -25.73 8.60 6.78
N ALA A 449 -25.67 9.20 7.97
CA ALA A 449 -25.16 10.56 8.06
C ALA A 449 -23.66 10.60 7.85
N ALA A 450 -22.93 9.69 8.48
CA ALA A 450 -21.49 9.62 8.36
C ALA A 450 -21.01 8.25 8.84
N ALA A 451 -19.74 7.96 8.56
CA ALA A 451 -19.13 6.72 9.02
C ALA A 451 -17.63 6.94 9.15
N SER A 452 -17.01 6.11 9.97
CA SER A 452 -15.57 6.11 10.13
C SER A 452 -15.13 4.68 10.40
N TRP A 453 -13.87 4.51 10.77
CA TRP A 453 -13.38 3.18 11.09
CA TRP A 453 -13.37 3.19 11.11
C TRP A 453 -14.06 2.63 12.35
N ASP A 454 -14.49 3.49 13.26
CA ASP A 454 -15.02 3.00 14.52
C ASP A 454 -16.47 3.37 14.78
N SER A 455 -17.21 3.85 13.77
CA SER A 455 -18.63 4.11 13.98
C SER A 455 -19.35 4.21 12.64
N VAL A 456 -20.65 3.94 12.68
CA VAL A 456 -21.60 4.28 11.62
C VAL A 456 -22.68 5.14 12.26
N ILE A 457 -23.02 6.26 11.63
CA ILE A 457 -23.96 7.23 12.20
C ILE A 457 -25.19 7.30 11.32
N PHE A 458 -26.35 7.00 11.91
CA PHE A 458 -27.60 6.89 11.18
C PHE A 458 -28.45 8.15 11.36
N ASP A 459 -29.13 8.55 10.28
CA ASP A 459 -30.08 9.66 10.29
C ASP A 459 -31.44 9.06 9.97
N LEU A 460 -32.23 8.80 11.00
CA LEU A 460 -33.49 8.10 10.83
C LEU A 460 -34.64 9.10 10.64
N PRO A 461 -35.62 8.73 9.81
CA PRO A 461 -36.76 9.63 9.57
C PRO A 461 -37.59 9.81 10.84
N GLY A 462 -37.95 11.05 11.14
CA GLY A 462 -38.72 11.39 12.32
C GLY A 462 -37.92 11.70 13.56
N ARG A 463 -36.85 10.95 13.80
CA ARG A 463 -35.97 11.22 14.93
C ARG A 463 -35.20 12.52 14.67
N ASP A 464 -35.41 13.51 15.53
CA ASP A 464 -34.62 14.73 15.45
C ASP A 464 -33.29 14.59 16.20
N SER A 465 -32.67 13.41 16.09
CA SER A 465 -31.38 13.13 16.71
C SER A 465 -30.73 11.98 15.96
N LEU A 466 -29.40 12.06 15.80
CA LEU A 466 -28.66 11.06 15.03
C LEU A 466 -28.26 9.88 15.90
N GLN A 467 -28.26 8.68 15.31
CA GLN A 467 -27.93 7.43 15.99
C GLN A 467 -26.51 7.03 15.60
N ARG A 468 -25.60 7.04 16.57
CA ARG A 468 -24.22 6.63 16.36
C ARG A 468 -24.04 5.20 16.86
N VAL A 469 -23.75 4.27 15.95
CA VAL A 469 -23.51 2.87 16.28
C VAL A 469 -22.01 2.65 16.32
N PRO A 470 -21.40 2.46 17.50
CA PRO A 470 -19.95 2.22 17.57
C PRO A 470 -19.59 0.83 17.07
N THR A 471 -18.49 0.75 16.32
CA THR A 471 -17.96 -0.52 15.81
C THR A 471 -16.51 -0.62 16.27
N LEU A 472 -16.31 -0.88 17.56
CA LEU A 472 -14.99 -0.66 18.13
C LEU A 472 -14.04 -1.83 17.96
N GLU A 473 -14.54 -3.06 17.77
CA GLU A 473 -13.65 -4.21 17.59
C GLU A 473 -13.49 -4.52 16.13
N PRO A 474 -12.27 -4.50 15.59
CA PRO A 474 -12.08 -4.78 14.16
C PRO A 474 -12.57 -6.16 13.74
N LEU A 475 -12.56 -7.16 14.63
CA LEU A 475 -12.98 -8.51 14.25
C LEU A 475 -14.42 -8.82 14.70
N ARG A 476 -15.20 -7.80 15.04
CA ARG A 476 -16.64 -7.96 15.15
C ARG A 476 -17.29 -7.12 14.06
N GLY A 477 -18.63 -7.06 14.06
CA GLY A 477 -19.31 -6.47 12.93
C GLY A 477 -19.11 -7.22 11.63
N THR A 478 -18.76 -8.50 11.68
CA THR A 478 -18.48 -9.30 10.49
C THR A 478 -19.77 -9.93 9.96
N ARG A 479 -19.66 -10.57 8.79
CA ARG A 479 -20.82 -11.28 8.26
C ARG A 479 -21.37 -12.28 9.27
N ALA A 480 -20.47 -13.05 9.91
CA ALA A 480 -20.91 -14.02 10.91
C ALA A 480 -21.68 -13.35 12.04
N HIS A 481 -21.40 -12.08 12.33
CA HIS A 481 -22.07 -11.38 13.43
C HIS A 481 -23.37 -10.70 13.01
N VAL A 482 -23.38 -9.96 11.88
CA VAL A 482 -24.51 -9.10 11.54
C VAL A 482 -25.11 -9.41 10.18
N GLY A 483 -24.55 -10.35 9.43
CA GLY A 483 -25.03 -10.57 8.06
C GLY A 483 -26.50 -10.94 8.00
N ASP A 484 -26.92 -11.92 8.82
CA ASP A 484 -28.32 -12.33 8.83
C ASP A 484 -29.22 -11.19 9.25
N LEU A 485 -28.79 -10.42 10.26
CA LEU A 485 -29.58 -9.28 10.71
C LEU A 485 -29.74 -8.24 9.61
N LEU A 486 -28.64 -7.91 8.91
CA LEU A 486 -28.73 -6.96 7.82
C LEU A 486 -29.64 -7.48 6.71
N ASP A 487 -29.63 -8.80 6.46
CA ASP A 487 -30.51 -9.37 5.46
C ASP A 487 -31.97 -9.16 5.83
N ARG A 488 -32.32 -9.40 7.09
CA ARG A 488 -33.72 -9.35 7.50
C ARG A 488 -34.25 -7.93 7.55
N CYS A 489 -33.42 -6.96 7.94
CA CYS A 489 -33.91 -5.60 8.10
C CYS A 489 -34.14 -4.97 6.73
N ARG A 490 -35.34 -4.40 6.54
CA ARG A 490 -35.65 -3.70 5.31
C ARG A 490 -35.48 -2.19 5.43
N SER A 491 -35.22 -1.68 6.63
CA SER A 491 -34.99 -0.25 6.80
C SER A 491 -33.89 -0.04 7.84
N ALA A 492 -33.26 1.13 7.75
CA ALA A 492 -32.28 1.52 8.76
C ALA A 492 -32.93 1.66 10.13
N THR A 493 -34.22 2.04 10.16
CA THR A 493 -34.93 2.12 11.44
C THR A 493 -35.03 0.75 12.10
N GLU A 494 -35.43 -0.26 11.33
CA GLU A 494 -35.47 -1.62 11.87
C GLU A 494 -34.09 -2.06 12.33
N LEU A 495 -33.06 -1.75 11.55
CA LEU A 495 -31.69 -2.13 11.93
C LEU A 495 -31.29 -1.50 13.26
N VAL A 496 -31.48 -0.18 13.40
CA VAL A 496 -31.06 0.47 14.63
C VAL A 496 -31.86 -0.04 15.82
N ALA A 497 -33.15 -0.34 15.59
CA ALA A 497 -33.97 -0.95 16.63
C ALA A 497 -33.37 -2.29 17.07
N ALA A 498 -33.04 -3.15 16.11
CA ALA A 498 -32.52 -4.48 16.43
C ALA A 498 -31.14 -4.42 17.08
N LEU A 499 -30.35 -3.40 16.75
CA LEU A 499 -29.02 -3.27 17.34
C LEU A 499 -29.04 -2.63 18.71
N THR A 500 -30.14 -1.96 19.08
CA THR A 500 -30.19 -1.20 20.32
C THR A 500 -29.96 -2.13 21.51
N GLY A 501 -29.03 -1.73 22.40
CA GLY A 501 -28.66 -2.55 23.52
C GLY A 501 -27.87 -3.79 23.18
N GLY A 502 -27.56 -4.02 21.90
CA GLY A 502 -26.79 -5.19 21.52
C GLY A 502 -25.38 -4.85 21.08
N GLU A 503 -24.88 -3.68 21.48
CA GLU A 503 -23.53 -3.26 21.09
C GLU A 503 -22.50 -4.27 21.55
N ASN A 504 -22.61 -4.73 22.81
CA ASN A 504 -21.67 -5.69 23.35
C ASN A 504 -21.93 -7.11 22.87
N LEU A 505 -22.85 -7.27 21.91
CA LEU A 505 -22.99 -8.53 21.19
C LEU A 505 -22.37 -8.43 19.80
N TYR A 506 -22.84 -7.45 19.01
CA TYR A 506 -22.51 -7.41 17.58
C TYR A 506 -21.16 -6.79 17.30
N PHE A 507 -20.72 -5.84 18.12
CA PHE A 507 -19.62 -4.95 17.75
C PHE A 507 -18.49 -4.86 18.75
N GLN A 508 -18.71 -5.20 20.02
CA GLN A 508 -17.64 -5.20 21.01
C GLN A 508 -17.85 -6.36 21.98
N ASP B 1 13.18 -6.73 -28.73
CA ASP B 1 12.21 -6.91 -27.67
C ASP B 1 10.81 -6.58 -28.15
N ALA B 2 9.94 -7.58 -28.19
CA ALA B 2 8.54 -7.32 -28.52
C ALA B 2 7.93 -6.34 -27.54
N ILE B 3 8.30 -6.46 -26.26
CA ILE B 3 7.65 -5.66 -25.23
C ILE B 3 8.05 -4.19 -25.34
N LEU B 4 9.28 -3.90 -25.76
CA LEU B 4 9.69 -2.51 -25.93
C LEU B 4 8.87 -1.83 -27.02
N ASP B 5 8.41 -2.59 -28.02
CA ASP B 5 7.53 -2.02 -29.04
C ASP B 5 6.16 -1.68 -28.45
N GLU B 6 5.66 -2.51 -27.53
CA GLU B 6 4.41 -2.19 -26.84
C GLU B 6 4.56 -0.94 -25.98
N ILE B 7 5.66 -0.85 -25.22
CA ILE B 7 5.90 0.35 -24.42
C ILE B 7 6.03 1.57 -25.32
N ASP B 8 6.79 1.46 -26.43
CA ASP B 8 6.92 2.59 -27.34
C ASP B 8 5.57 3.08 -27.83
N ASP B 9 4.62 2.17 -28.04
CA ASP B 9 3.37 2.64 -28.61
CA ASP B 9 3.30 2.50 -28.55
C ASP B 9 2.50 3.36 -27.58
N VAL B 10 2.78 3.24 -26.28
CA VAL B 10 1.95 3.91 -25.27
C VAL B 10 2.65 5.06 -24.53
N LEU B 11 3.95 5.27 -24.71
CA LEU B 11 4.63 6.32 -23.95
C LEU B 11 4.01 7.70 -24.21
N GLU B 12 3.98 8.52 -23.17
CA GLU B 12 3.53 9.91 -23.30
C GLU B 12 4.27 10.64 -24.41
N GLU B 13 3.54 11.44 -25.18
CA GLU B 13 4.18 12.35 -26.12
C GLU B 13 4.90 13.46 -25.37
N ASN B 14 5.80 14.15 -26.09
CA ASN B 14 6.57 15.27 -25.52
C ASN B 14 7.24 14.85 -24.21
N ALA B 15 8.07 13.81 -24.31
CA ALA B 15 8.58 13.15 -23.11
C ALA B 15 9.34 14.12 -22.20
N GLU B 16 10.15 15.01 -22.78
CA GLU B 16 10.91 15.94 -21.95
C GLU B 16 9.99 16.91 -21.22
N GLU B 17 8.99 17.45 -21.93
CA GLU B 17 8.04 18.35 -21.29
C GLU B 17 7.25 17.63 -20.21
N PHE B 18 6.88 16.38 -20.48
CA PHE B 18 6.11 15.61 -19.51
C PHE B 18 6.88 15.43 -18.21
N VAL B 19 8.15 15.01 -18.31
CA VAL B 19 8.94 14.76 -17.12
C VAL B 19 9.18 16.06 -16.36
N ARG B 20 9.51 17.14 -17.08
CA ARG B 20 9.74 18.43 -16.45
C ARG B 20 8.49 18.94 -15.73
N SER B 21 7.31 18.68 -16.29
CA SER B 21 6.07 19.18 -15.72
C SER B 21 5.54 18.34 -14.58
N TYR B 22 6.07 17.12 -14.38
CA TYR B 22 5.55 16.27 -13.31
C TYR B 22 6.15 16.74 -12.00
N ILE B 23 5.41 17.60 -11.31
CA ILE B 23 5.83 18.24 -10.07
C ILE B 23 4.68 18.09 -9.07
N GLN B 24 4.98 17.49 -7.92
CA GLN B 24 3.94 17.09 -6.98
C GLN B 24 4.10 17.84 -5.66
N LYS B 25 2.97 18.08 -4.99
CA LYS B 25 3.03 18.56 -3.62
C LYS B 25 3.50 17.43 -2.71
N GLY B 26 4.27 17.78 -1.69
CA GLY B 26 4.69 16.77 -0.73
C GLY B 26 3.49 16.16 -0.03
N GLY B 27 3.57 14.86 0.23
CA GLY B 27 2.55 14.19 1.01
C GLY B 27 3.15 13.54 2.23
#